data_1SU2
#
_entry.id   1SU2
#
_cell.length_a   53.232
_cell.length_b   53.232
_cell.length_c   122.362
_cell.angle_alpha   90.00
_cell.angle_beta   90.00
_cell.angle_gamma   90.00
#
_symmetry.space_group_name_H-M   'P 41'
#
loop_
_entity.id
_entity.type
_entity.pdbx_description
1 polymer 'MutT/nudix family protein'
2 non-polymer 'MAGNESIUM ION'
3 non-polymer "ADENOSINE-5'-TRIPHOSPHATE"
4 water water
#
_entity_poly.entity_id   1
_entity_poly.type   'polypeptide(L)'
_entity_poly.pdbx_seq_one_letter_code
;MEHDERTHVPVELRAAGVVLLNERGDILLVQEKGIPGHPEKAGLWHIPSGAVEDGENPQDAAVREACEETGLRVRPVKFL
GAYLGRFPDGVLILRHVWLAEPEPGQTLAPAFTDEIAEASFVSREDFAQLYAAGQIRMYQTKLFYADALREKGFPALPV
;
_entity_poly.pdbx_strand_id   A,B
#
# COMPACT_ATOMS: atom_id res chain seq x y z
N MET A 1 0.77 4.23 -14.79
CA MET A 1 1.11 4.01 -16.20
C MET A 1 1.69 5.26 -16.84
N GLU A 2 2.42 5.15 -17.91
CA GLU A 2 2.94 6.42 -18.36
C GLU A 2 4.22 6.25 -19.12
N HIS A 3 4.40 7.20 -20.03
CA HIS A 3 5.58 7.20 -20.82
C HIS A 3 6.46 8.38 -20.41
N ASP A 4 6.04 9.20 -19.44
CA ASP A 4 6.86 10.30 -18.98
C ASP A 4 7.98 9.73 -18.12
N GLU A 5 9.22 9.97 -18.53
CA GLU A 5 10.37 9.44 -17.81
C GLU A 5 10.52 9.95 -16.39
N ARG A 6 10.94 9.05 -15.51
CA ARG A 6 11.19 9.37 -14.12
C ARG A 6 12.27 8.42 -13.64
N THR A 7 13.01 8.83 -12.63
CA THR A 7 14.06 7.98 -12.08
C THR A 7 13.52 7.20 -10.90
N HIS A 8 14.25 6.17 -10.50
CA HIS A 8 13.85 5.34 -9.37
C HIS A 8 14.40 5.95 -8.10
N VAL A 9 13.59 5.97 -7.04
CA VAL A 9 14.03 6.50 -5.75
C VAL A 9 14.02 5.29 -4.82
N PRO A 10 15.19 4.66 -4.61
CA PRO A 10 15.24 3.49 -3.74
C PRO A 10 14.78 3.74 -2.31
N VAL A 11 13.93 2.84 -1.82
CA VAL A 11 13.41 2.90 -0.46
C VAL A 11 14.01 1.68 0.24
N GLU A 12 14.96 1.94 1.12
CA GLU A 12 15.68 0.88 1.84
C GLU A 12 14.89 0.14 2.90
N LEU A 13 14.02 0.86 3.61
CA LEU A 13 13.23 0.26 4.68
C LEU A 13 11.74 0.40 4.47
N ARG A 14 10.99 -0.64 4.86
N ARG A 14 11.01 -0.64 4.87
CA ARG A 14 9.54 -0.75 4.72
CA ARG A 14 9.57 -0.63 4.77
C ARG A 14 9.01 -1.16 6.06
N ALA A 15 8.00 -0.50 6.54
CA ALA A 15 7.29 -0.86 7.78
C ALA A 15 5.83 -1.06 7.45
N ALA A 16 5.15 -1.91 8.21
CA ALA A 16 3.74 -2.17 7.98
C ALA A 16 3.03 -2.33 9.31
N GLY A 17 1.88 -1.68 9.43
CA GLY A 17 1.13 -1.74 10.66
C GLY A 17 -0.36 -1.65 10.42
N VAL A 18 -1.12 -1.62 11.51
CA VAL A 18 -2.56 -1.56 11.38
C VAL A 18 -3.25 -0.58 12.31
N VAL A 19 -4.38 -0.13 11.84
CA VAL A 19 -5.26 0.66 12.63
C VAL A 19 -6.29 -0.39 12.96
N LEU A 20 -6.18 -0.95 14.17
CA LEU A 20 -7.08 -2.02 14.60
C LEU A 20 -8.21 -1.44 15.44
N LEU A 21 -9.46 -1.56 14.99
CA LEU A 21 -10.58 -1.04 15.74
C LEU A 21 -11.44 -2.19 16.25
N ASN A 22 -11.96 -2.04 17.46
CA ASN A 22 -12.84 -3.07 17.99
C ASN A 22 -14.25 -2.65 17.61
N GLU A 23 -15.26 -3.36 18.11
CA GLU A 23 -16.64 -3.04 17.77
C GLU A 23 -17.14 -1.67 18.21
N ARG A 24 -16.46 -1.04 19.17
CA ARG A 24 -16.87 0.27 19.65
C ARG A 24 -16.12 1.41 18.98
N GLY A 25 -15.16 1.06 18.14
CA GLY A 25 -14.37 2.07 17.44
C GLY A 25 -13.15 2.49 18.24
N ASP A 26 -12.83 1.74 19.30
CA ASP A 26 -11.63 2.03 20.08
C ASP A 26 -10.44 1.58 19.23
N ILE A 27 -9.30 2.24 19.41
CA ILE A 27 -8.11 1.89 18.64
C ILE A 27 -7.06 1.18 19.48
N LEU A 28 -6.40 0.19 18.88
CA LEU A 28 -5.36 -0.57 19.57
C LEU A 28 -4.03 0.15 19.38
N LEU A 29 -3.42 0.55 20.49
CA LEU A 29 -2.14 1.26 20.43
C LEU A 29 -1.06 0.56 21.26
N VAL A 30 0.19 0.78 20.87
CA VAL A 30 1.34 0.22 21.52
C VAL A 30 2.15 1.33 22.16
N GLN A 31 2.59 1.14 23.40
CA GLN A 31 3.35 2.16 24.10
C GLN A 31 4.84 1.82 24.20
N GLU A 32 5.68 2.82 23.92
CA GLU A 32 7.12 2.65 23.99
C GLU A 32 7.56 2.53 25.45
N LYS A 33 8.71 1.89 25.69
CA LYS A 33 9.28 1.69 27.02
C LYS A 33 10.06 2.91 27.34
N GLY A 34 9.20 3.85 27.61
CA GLY A 34 9.66 5.13 28.05
C GLY A 34 10.57 5.76 27.07
N ILE A 35 10.23 7.01 26.90
CA ILE A 35 10.94 7.92 26.12
C ILE A 35 12.20 8.34 26.91
N PRO A 36 13.35 8.37 26.26
CA PRO A 36 14.60 8.76 26.94
C PRO A 36 14.68 10.05 27.80
N GLY A 37 13.91 11.14 27.52
CA GLY A 37 13.95 12.40 28.33
C GLY A 37 14.84 12.43 29.63
N HIS A 38 14.46 13.42 30.49
CA HIS A 38 15.00 13.74 31.85
C HIS A 38 14.34 12.82 32.84
N PRO A 39 14.69 12.82 34.14
CA PRO A 39 13.99 11.78 34.94
C PRO A 39 12.51 11.47 34.59
N GLU A 40 12.30 10.61 33.56
CA GLU A 40 10.95 10.21 33.15
C GLU A 40 10.86 9.51 31.79
N LYS A 41 10.44 8.27 31.77
CA LYS A 41 10.36 7.68 30.41
C LYS A 41 9.01 7.98 29.74
N ALA A 42 7.97 7.50 30.42
CA ALA A 42 6.50 7.68 30.15
C ALA A 42 5.94 7.40 28.73
N GLY A 43 6.61 6.50 28.02
CA GLY A 43 6.35 6.04 26.65
C GLY A 43 5.28 6.71 25.76
N LEU A 44 5.64 6.99 24.50
CA LEU A 44 4.67 7.56 23.58
C LEU A 44 3.93 6.39 22.95
N TRP A 45 2.78 6.68 22.36
CA TRP A 45 1.96 5.65 21.74
C TRP A 45 1.96 5.66 20.21
N HIS A 46 1.84 4.47 19.63
CA HIS A 46 1.82 4.34 18.18
C HIS A 46 1.02 3.10 17.80
N ILE A 47 0.66 2.95 16.55
CA ILE A 47 -0.06 1.75 16.17
C ILE A 47 0.90 0.59 16.12
N PRO A 48 0.34 -0.57 16.27
CA PRO A 48 1.21 -1.71 16.21
C PRO A 48 2.01 -1.83 14.87
N SER A 49 3.25 -1.52 14.66
CA SER A 49 3.70 -1.89 13.34
C SER A 49 5.11 -2.41 13.48
N GLY A 50 5.70 -2.91 12.38
CA GLY A 50 7.05 -3.42 12.43
C GLY A 50 7.68 -3.47 11.04
N ALA A 51 8.93 -3.90 11.01
CA ALA A 51 9.68 -3.99 9.78
C ALA A 51 9.18 -5.07 8.83
N VAL A 52 9.13 -4.73 7.55
CA VAL A 52 8.77 -5.64 6.51
C VAL A 52 10.06 -6.30 6.08
N GLU A 53 10.16 -7.61 6.12
CA GLU A 53 11.38 -8.25 5.69
C GLU A 53 11.59 -7.97 4.21
N ASP A 54 12.83 -7.92 3.76
CA ASP A 54 13.09 -7.64 2.35
C ASP A 54 12.43 -8.75 1.51
N GLY A 55 11.59 -8.34 0.58
CA GLY A 55 10.92 -9.29 -0.29
C GLY A 55 9.59 -9.84 0.26
N GLU A 56 9.29 -9.65 1.54
CA GLU A 56 8.02 -10.15 2.05
C GLU A 56 6.88 -9.18 1.80
N ASN A 57 5.69 -9.73 1.62
CA ASN A 57 4.48 -8.96 1.38
C ASN A 57 4.18 -8.02 2.54
N PRO A 58 4.02 -6.73 2.21
CA PRO A 58 3.75 -5.70 3.22
C PRO A 58 2.51 -5.97 4.06
N GLN A 59 1.46 -6.35 3.39
CA GLN A 59 0.21 -6.67 4.03
C GLN A 59 0.35 -7.81 5.04
N ASP A 60 1.05 -8.87 4.64
CA ASP A 60 1.26 -10.00 5.54
C ASP A 60 2.08 -9.55 6.74
N ALA A 61 3.04 -8.66 6.50
CA ALA A 61 3.90 -8.14 7.57
C ALA A 61 3.09 -7.39 8.61
N ALA A 62 2.11 -6.61 8.14
CA ALA A 62 1.26 -5.84 9.05
C ALA A 62 0.53 -6.79 9.99
N VAL A 63 0.01 -7.88 9.42
CA VAL A 63 -0.71 -8.89 10.18
C VAL A 63 0.22 -9.58 11.18
N ARG A 64 1.41 -9.94 10.71
CA ARG A 64 2.40 -10.61 11.56
C ARG A 64 2.82 -9.71 12.71
N GLU A 65 3.19 -8.48 12.40
CA GLU A 65 3.61 -7.52 13.42
C GLU A 65 2.54 -7.27 14.48
N ALA A 66 1.29 -7.12 14.03
CA ALA A 66 0.20 -6.88 14.96
C ALA A 66 0.11 -8.00 15.98
N CYS A 67 0.23 -9.24 15.52
CA CYS A 67 0.17 -10.38 16.41
C CYS A 67 1.38 -10.45 17.34
N GLU A 68 2.56 -10.22 16.78
CA GLU A 68 3.78 -10.25 17.58
C GLU A 68 3.78 -9.24 18.71
N GLU A 69 3.24 -8.05 18.46
CA GLU A 69 3.24 -7.01 19.48
C GLU A 69 2.07 -7.01 20.46
N THR A 70 0.90 -7.45 19.99
CA THR A 70 -0.29 -7.43 20.84
C THR A 70 -0.84 -8.79 21.23
N GLY A 71 -0.40 -9.84 20.56
CA GLY A 71 -0.90 -11.18 20.84
C GLY A 71 -2.22 -11.45 20.14
N LEU A 72 -2.69 -10.48 19.36
CA LEU A 72 -3.94 -10.62 18.65
C LEU A 72 -3.79 -10.98 17.17
N ARG A 73 -4.56 -11.97 16.73
CA ARG A 73 -4.56 -12.36 15.33
C ARG A 73 -5.53 -11.37 14.70
N VAL A 74 -5.10 -10.66 13.66
CA VAL A 74 -5.97 -9.69 13.02
C VAL A 74 -6.18 -9.97 11.54
N ARG A 75 -7.25 -9.49 11.03
CA ARG A 75 -7.39 -9.67 9.63
C ARG A 75 -7.22 -8.26 9.08
N PRO A 76 -6.71 -8.18 7.85
CA PRO A 76 -6.58 -6.89 7.16
C PRO A 76 -7.91 -6.66 6.42
N VAL A 77 -8.50 -5.49 6.61
CA VAL A 77 -9.78 -5.16 5.99
C VAL A 77 -9.65 -4.30 4.74
N LYS A 78 -8.80 -3.29 4.81
CA LYS A 78 -8.61 -2.40 3.68
C LYS A 78 -7.33 -1.59 3.84
N PHE A 79 -6.64 -1.35 2.73
CA PHE A 79 -5.41 -0.56 2.77
C PHE A 79 -5.84 0.88 2.99
N LEU A 80 -5.16 1.59 3.88
CA LEU A 80 -5.49 2.98 4.15
C LEU A 80 -4.50 3.93 3.51
N GLY A 81 -3.22 3.62 3.57
CA GLY A 81 -2.24 4.49 2.96
C GLY A 81 -0.82 4.17 3.33
N ALA A 82 0.12 4.85 2.70
CA ALA A 82 1.54 4.67 2.97
C ALA A 82 2.15 6.05 2.92
N TYR A 83 3.17 6.30 3.74
CA TYR A 83 3.83 7.59 3.73
C TYR A 83 5.32 7.41 3.91
N LEU A 84 6.07 8.42 3.47
CA LEU A 84 7.52 8.38 3.45
C LEU A 84 8.28 9.26 4.43
N GLY A 85 9.30 8.68 5.03
CA GLY A 85 10.14 9.40 5.98
C GLY A 85 11.60 9.20 5.63
N ARG A 86 12.47 10.07 6.13
CA ARG A 86 13.90 9.95 5.84
C ARG A 86 14.71 10.14 7.12
N PHE A 87 15.53 9.16 7.45
CA PHE A 87 16.37 9.27 8.63
C PHE A 87 17.50 10.26 8.35
N PRO A 88 18.16 10.76 9.41
CA PRO A 88 19.24 11.73 9.22
C PRO A 88 20.34 11.29 8.25
N ASP A 89 20.61 9.99 8.19
CA ASP A 89 21.64 9.49 7.29
C ASP A 89 21.19 9.35 5.85
N GLY A 90 19.94 9.74 5.58
CA GLY A 90 19.43 9.67 4.22
C GLY A 90 18.58 8.46 3.88
N VAL A 91 18.54 7.48 4.78
CA VAL A 91 17.75 6.28 4.53
C VAL A 91 16.26 6.59 4.49
N LEU A 92 15.58 6.06 3.47
CA LEU A 92 14.14 6.26 3.32
C LEU A 92 13.38 5.08 3.91
N ILE A 93 12.26 5.38 4.56
CA ILE A 93 11.41 4.34 5.12
C ILE A 93 9.98 4.61 4.68
N LEU A 94 9.34 3.59 4.11
CA LEU A 94 7.97 3.71 3.66
C LEU A 94 7.09 2.94 4.63
N ARG A 95 6.21 3.65 5.33
CA ARG A 95 5.32 3.03 6.30
C ARG A 95 3.96 2.76 5.66
N HIS A 96 3.47 1.53 5.82
CA HIS A 96 2.19 1.12 5.25
C HIS A 96 1.17 0.90 6.37
N VAL A 97 -0.08 1.28 6.12
CA VAL A 97 -1.13 1.14 7.12
C VAL A 97 -2.42 0.54 6.58
N TRP A 98 -2.91 -0.48 7.27
CA TRP A 98 -4.16 -1.15 6.90
C TRP A 98 -5.17 -1.02 8.01
N LEU A 99 -6.44 -0.95 7.63
CA LEU A 99 -7.52 -0.94 8.60
C LEU A 99 -7.62 -2.44 8.87
N ALA A 100 -7.75 -2.83 10.13
CA ALA A 100 -7.84 -4.25 10.46
C ALA A 100 -8.85 -4.47 11.58
N GLU A 101 -9.25 -5.71 11.73
CA GLU A 101 -10.19 -6.12 12.77
C GLU A 101 -9.63 -7.38 13.41
N PRO A 102 -9.82 -7.53 14.73
CA PRO A 102 -9.31 -8.72 15.40
C PRO A 102 -10.22 -9.92 15.18
N GLU A 103 -9.63 -11.11 15.17
CA GLU A 103 -10.45 -12.31 15.03
C GLU A 103 -11.19 -12.37 16.37
N PRO A 104 -12.41 -12.94 16.38
CA PRO A 104 -13.19 -13.03 17.61
C PRO A 104 -12.63 -13.94 18.69
N GLY A 105 -13.09 -13.72 19.92
CA GLY A 105 -12.67 -14.54 21.06
C GLY A 105 -11.20 -14.52 21.39
N GLN A 106 -10.60 -13.34 21.41
CA GLN A 106 -9.18 -13.21 21.74
C GLN A 106 -8.92 -12.34 22.95
N THR A 107 -7.78 -12.57 23.59
CA THR A 107 -7.36 -11.81 24.76
C THR A 107 -6.10 -11.01 24.46
N LEU A 108 -6.12 -9.73 24.81
CA LEU A 108 -4.97 -8.88 24.60
C LEU A 108 -3.84 -9.34 25.51
N ALA A 109 -2.70 -9.68 24.91
CA ALA A 109 -1.54 -10.14 25.67
C ALA A 109 -0.29 -9.58 24.99
N PRO A 110 0.03 -8.31 25.28
CA PRO A 110 1.19 -7.61 24.70
C PRO A 110 2.53 -8.30 24.93
N ALA A 111 3.43 -8.14 23.97
CA ALA A 111 4.78 -8.72 24.08
C ALA A 111 5.68 -7.63 24.67
N PHE A 112 5.98 -7.76 25.95
CA PHE A 112 6.81 -6.79 26.64
C PHE A 112 8.29 -6.97 26.30
N THR A 113 8.88 -5.92 25.76
CA THR A 113 10.28 -5.94 25.35
C THR A 113 10.95 -4.62 25.72
N ASP A 114 12.20 -4.46 25.34
CA ASP A 114 12.92 -3.22 25.64
C ASP A 114 12.35 -2.09 24.78
N GLU A 115 11.48 -2.44 23.84
CA GLU A 115 10.88 -1.45 22.95
C GLU A 115 9.39 -1.23 23.22
N ILE A 116 8.74 -2.22 23.83
CA ILE A 116 7.31 -2.14 24.11
C ILE A 116 6.97 -2.30 25.59
N ALA A 117 6.33 -1.28 26.16
CA ALA A 117 5.93 -1.30 27.56
C ALA A 117 4.60 -2.04 27.71
N GLU A 118 3.71 -1.82 26.76
CA GLU A 118 2.41 -2.49 26.76
C GLU A 118 1.62 -2.07 25.53
N ALA A 119 0.40 -2.57 25.43
CA ALA A 119 -0.47 -2.24 24.31
C ALA A 119 -1.89 -2.33 24.84
N SER A 120 -2.77 -1.49 24.32
CA SER A 120 -4.15 -1.52 24.78
C SER A 120 -5.08 -0.75 23.88
N PHE A 121 -6.38 -0.97 24.10
CA PHE A 121 -7.41 -0.29 23.35
C PHE A 121 -7.68 1.04 24.06
N VAL A 122 -7.80 2.10 23.26
CA VAL A 122 -8.04 3.45 23.76
C VAL A 122 -9.26 4.01 23.03
N SER A 123 -10.18 4.62 23.77
CA SER A 123 -11.39 5.17 23.16
C SER A 123 -11.08 6.40 22.31
N ARG A 124 -12.03 6.79 21.48
CA ARG A 124 -11.87 7.96 20.63
CA ARG A 124 -11.87 7.96 20.63
C ARG A 124 -11.64 9.20 21.48
N GLU A 125 -12.41 9.35 22.54
CA GLU A 125 -12.30 10.51 23.42
C GLU A 125 -10.95 10.59 24.10
N ASP A 126 -10.46 9.46 24.61
CA ASP A 126 -9.16 9.48 25.26
C ASP A 126 -8.05 9.62 24.24
N PHE A 127 -8.26 9.13 23.03
CA PHE A 127 -7.23 9.28 22.00
C PHE A 127 -7.07 10.76 21.73
N ALA A 128 -8.19 11.49 21.66
CA ALA A 128 -8.14 12.92 21.42
C ALA A 128 -7.32 13.61 22.50
N GLN A 129 -7.46 13.18 23.75
CA GLN A 129 -6.70 13.75 24.85
C GLN A 129 -5.22 13.43 24.67
N LEU A 130 -4.91 12.19 24.34
CA LEU A 130 -3.52 11.78 24.13
C LEU A 130 -2.88 12.60 23.02
N TYR A 131 -3.62 12.81 21.94
CA TYR A 131 -3.11 13.58 20.81
C TYR A 131 -2.83 15.02 21.22
N ALA A 132 -3.80 15.65 21.89
CA ALA A 132 -3.64 17.02 22.33
C ALA A 132 -2.46 17.15 23.29
N ALA A 133 -2.23 16.10 24.07
CA ALA A 133 -1.16 16.06 25.06
C ALA A 133 0.21 15.76 24.44
N GLY A 134 0.23 15.51 23.14
CA GLY A 134 1.49 15.21 22.47
C GLY A 134 2.05 13.84 22.82
N GLN A 135 1.15 12.89 23.08
CA GLN A 135 1.55 11.54 23.44
C GLN A 135 1.47 10.54 22.31
N ILE A 136 1.10 11.00 21.11
CA ILE A 136 1.01 10.12 19.95
C ILE A 136 2.29 10.37 19.15
N ARG A 137 3.18 9.39 19.12
CA ARG A 137 4.48 9.53 18.45
C ARG A 137 4.41 10.10 17.04
N MET A 138 3.58 9.51 16.19
CA MET A 138 3.45 9.96 14.82
C MET A 138 2.05 10.51 14.61
N TYR A 139 1.96 11.80 14.26
CA TYR A 139 0.67 12.42 14.07
C TYR A 139 -0.17 11.71 13.01
N GLN A 140 0.50 10.99 12.12
CA GLN A 140 -0.21 10.26 11.07
C GLN A 140 -1.20 9.28 11.68
N THR A 141 -0.95 8.85 12.92
CA THR A 141 -1.87 7.93 13.58
C THR A 141 -3.26 8.54 13.66
N LYS A 142 -3.33 9.83 13.97
CA LYS A 142 -4.65 10.47 14.06
C LYS A 142 -5.30 10.53 12.69
N LEU A 143 -4.52 10.84 11.66
CA LEU A 143 -5.05 10.91 10.32
C LEU A 143 -5.63 9.56 9.89
N PHE A 144 -4.90 8.48 10.15
CA PHE A 144 -5.39 7.17 9.77
C PHE A 144 -6.52 6.66 10.65
N TYR A 145 -6.52 7.05 11.92
CA TYR A 145 -7.59 6.67 12.80
C TYR A 145 -8.87 7.28 12.29
N ALA A 146 -8.78 8.56 11.89
CA ALA A 146 -9.93 9.27 11.36
C ALA A 146 -10.42 8.58 10.08
N ASP A 147 -9.47 8.13 9.25
CA ASP A 147 -9.83 7.45 8.01
C ASP A 147 -10.58 6.16 8.35
N ALA A 148 -10.05 5.43 9.32
CA ALA A 148 -10.66 4.17 9.73
C ALA A 148 -12.06 4.36 10.29
N LEU A 149 -12.24 5.40 11.10
CA LEU A 149 -13.54 5.68 11.69
C LEU A 149 -14.55 5.94 10.57
N ARG A 150 -14.16 6.72 9.57
CA ARG A 150 -15.04 7.01 8.44
C ARG A 150 -15.41 5.75 7.67
N GLU A 151 -14.41 4.92 7.41
CA GLU A 151 -14.61 3.66 6.69
C GLU A 151 -15.59 2.73 7.40
N LYS A 152 -15.49 2.65 8.72
CA LYS A 152 -16.35 1.79 9.51
C LYS A 152 -17.69 2.41 9.90
N GLY A 153 -17.87 3.69 9.58
CA GLY A 153 -19.12 4.37 9.90
C GLY A 153 -19.23 4.76 11.38
N PHE A 154 -18.09 4.94 12.03
CA PHE A 154 -18.06 5.34 13.43
C PHE A 154 -18.03 6.86 13.53
N PRO A 155 -18.45 7.37 14.66
CA PRO A 155 -18.42 8.83 14.85
C PRO A 155 -17.00 9.37 14.73
N ALA A 156 -16.80 10.64 14.34
CA ALA A 156 -15.46 11.24 14.17
C ALA A 156 -14.76 11.56 15.51
N LEU A 157 -13.43 11.89 15.46
CA LEU A 157 -12.64 12.18 16.68
C LEU A 157 -12.45 13.64 17.06
N PRO A 158 -12.58 13.92 18.37
CA PRO A 158 -12.24 15.25 18.99
C PRO A 158 -10.71 15.62 18.93
N VAL A 159 -9.93 14.74 18.27
CA VAL A 159 -8.48 14.77 18.03
C VAL A 159 -7.87 13.47 18.52
N MET B 1 6.25 4.27 13.21
CA MET B 1 6.64 3.70 14.49
C MET B 1 8.06 4.06 14.84
N GLU B 2 8.15 3.92 16.19
CA GLU B 2 9.25 4.10 17.15
C GLU B 2 10.05 5.37 16.99
N HIS B 3 10.54 5.70 18.16
CA HIS B 3 11.34 6.82 18.51
C HIS B 3 12.74 7.02 17.96
N ASP B 4 12.91 7.03 16.65
CA ASP B 4 14.16 7.39 16.01
C ASP B 4 13.66 8.47 15.09
N GLU B 5 14.12 9.71 15.28
CA GLU B 5 13.66 10.81 14.46
C GLU B 5 13.96 10.68 12.98
N ARG B 6 13.01 11.13 12.17
CA ARG B 6 13.15 11.13 10.73
C ARG B 6 12.30 12.29 10.22
N THR B 7 12.66 12.81 9.05
CA THR B 7 11.90 13.91 8.47
C THR B 7 10.87 13.37 7.50
N HIS B 8 9.92 14.20 7.13
CA HIS B 8 8.86 13.82 6.21
C HIS B 8 9.33 14.07 4.79
N VAL B 9 9.05 13.14 3.89
CA VAL B 9 9.42 13.29 2.48
C VAL B 9 8.09 13.38 1.74
N PRO B 10 7.63 14.60 1.43
CA PRO B 10 6.35 14.74 0.73
C PRO B 10 6.29 14.04 -0.62
N VAL B 11 5.20 13.32 -0.85
CA VAL B 11 4.97 12.62 -2.11
C VAL B 11 3.77 13.34 -2.73
N GLU B 12 4.02 14.10 -3.79
CA GLU B 12 2.99 14.88 -4.45
C GLU B 12 1.99 14.08 -5.26
N LEU B 13 2.44 13.02 -5.91
CA LEU B 13 1.56 12.22 -6.74
C LEU B 13 1.49 10.76 -6.31
N ARG B 14 0.30 10.19 -6.44
N ARG B 14 0.30 10.19 -6.44
CA ARG B 14 0.10 8.79 -6.11
CA ARG B 14 0.10 8.79 -6.11
C ARG B 14 -0.69 8.15 -7.24
N ALA B 15 -0.28 6.95 -7.62
CA ALA B 15 -0.96 6.21 -8.66
C ALA B 15 -1.32 4.85 -8.09
N ALA B 16 -2.38 4.25 -8.62
CA ALA B 16 -2.81 2.94 -8.14
C ALA B 16 -3.27 2.10 -9.32
N GLY B 17 -2.83 0.85 -9.33
CA GLY B 17 -3.20 -0.05 -10.41
C GLY B 17 -3.33 -1.46 -9.91
N VAL B 18 -3.59 -2.37 -10.82
CA VAL B 18 -3.77 -3.73 -10.43
C VAL B 18 -3.09 -4.70 -11.38
N VAL B 19 -2.74 -5.86 -10.86
CA VAL B 19 -2.26 -6.92 -11.68
C VAL B 19 -3.46 -7.87 -11.63
N LEU B 20 -4.20 -7.80 -12.72
CA LEU B 20 -5.42 -8.57 -12.89
C LEU B 20 -5.15 -9.86 -13.62
N LEU B 21 -5.37 -10.98 -12.96
CA LEU B 21 -5.16 -12.28 -13.59
C LEU B 21 -6.49 -12.99 -13.78
N ASN B 22 -6.62 -13.69 -14.91
CA ASN B 22 -7.84 -14.45 -15.14
C ASN B 22 -7.56 -15.86 -14.61
N GLU B 23 -8.49 -16.79 -14.84
CA GLU B 23 -8.33 -18.16 -14.34
C GLU B 23 -7.14 -18.94 -14.89
N ARG B 24 -6.57 -18.49 -16.01
CA ARG B 24 -5.44 -19.18 -16.60
C ARG B 24 -4.10 -18.55 -16.20
N GLY B 25 -4.17 -17.43 -15.49
CA GLY B 25 -2.94 -16.77 -15.09
C GLY B 25 -2.48 -15.75 -16.10
N ASP B 26 -3.35 -15.44 -17.07
CA ASP B 26 -3.01 -14.42 -18.07
C ASP B 26 -3.13 -13.06 -17.38
N ILE B 27 -2.33 -12.09 -17.82
CA ILE B 27 -2.37 -10.78 -17.20
C ILE B 27 -3.02 -9.72 -18.10
N LEU B 28 -3.81 -8.85 -17.49
CA LEU B 28 -4.48 -7.78 -18.23
C LEU B 28 -3.55 -6.59 -18.36
N LEU B 29 -3.22 -6.21 -19.59
CA LEU B 29 -2.34 -5.08 -19.84
C LEU B 29 -2.99 -4.03 -20.72
N VAL B 30 -2.53 -2.80 -20.57
CA VAL B 30 -3.03 -1.65 -21.32
C VAL B 30 -1.91 -1.16 -22.22
N GLN B 31 -2.23 -0.84 -23.47
CA GLN B 31 -1.22 -0.37 -24.41
C GLN B 31 -1.34 1.12 -24.69
N GLU B 32 -0.20 1.81 -24.70
CA GLU B 32 -0.15 3.24 -24.97
C GLU B 32 -0.42 3.47 -26.46
N LYS B 33 -0.95 4.65 -26.82
CA LYS B 33 -1.34 4.89 -28.26
C LYS B 33 -0.13 4.76 -29.15
N GLY B 34 0.94 5.47 -28.83
CA GLY B 34 2.12 5.37 -29.64
C GLY B 34 3.27 6.05 -28.93
N ILE B 35 4.51 5.76 -29.33
CA ILE B 35 5.66 6.39 -28.74
C ILE B 35 5.84 7.82 -29.29
N PRO B 36 6.16 8.64 -28.32
CA PRO B 36 6.39 10.10 -28.44
C PRO B 36 7.38 10.67 -29.47
N GLY B 37 7.09 10.77 -30.77
CA GLY B 37 8.08 11.42 -31.62
C GLY B 37 8.68 10.59 -32.75
N HIS B 38 9.65 9.74 -32.49
CA HIS B 38 10.26 9.08 -33.62
C HIS B 38 9.39 8.18 -34.50
N PRO B 39 9.94 7.05 -34.94
CA PRO B 39 9.28 6.23 -35.99
C PRO B 39 7.73 6.19 -35.95
N GLU B 40 7.00 5.22 -36.48
CA GLU B 40 5.51 5.20 -36.34
C GLU B 40 5.17 4.36 -35.13
N LYS B 41 5.32 5.04 -34.00
CA LYS B 41 5.32 4.60 -32.59
C LYS B 41 5.13 3.08 -32.31
N ALA B 42 3.96 2.62 -31.88
CA ALA B 42 3.84 1.23 -31.44
C ALA B 42 4.01 1.29 -29.91
N GLY B 43 2.97 1.69 -29.23
CA GLY B 43 2.96 1.90 -27.78
C GLY B 43 3.39 0.71 -26.94
N LEU B 44 3.95 1.03 -25.77
CA LEU B 44 4.38 -0.01 -24.83
C LEU B 44 3.21 -0.41 -23.93
N TRP B 45 3.39 -1.51 -23.21
CA TRP B 45 2.35 -2.05 -22.34
C TRP B 45 2.61 -1.84 -20.86
N HIS B 46 1.53 -1.65 -20.12
CA HIS B 46 1.62 -1.45 -18.67
C HIS B 46 0.35 -1.96 -18.00
N ILE B 47 0.35 -2.04 -16.68
CA ILE B 47 -0.83 -2.50 -15.97
C ILE B 47 -1.88 -1.40 -15.92
N PRO B 48 -3.16 -1.77 -15.74
CA PRO B 48 -4.22 -0.76 -15.66
C PRO B 48 -3.88 0.02 -14.40
N SER B 49 -3.78 1.33 -14.52
CA SER B 49 -3.40 2.16 -13.38
C SER B 49 -3.73 3.61 -13.69
N GLY B 50 -3.90 4.40 -12.64
CA GLY B 50 -4.20 5.79 -12.84
C GLY B 50 -3.96 6.61 -11.59
N ALA B 51 -4.15 7.91 -11.71
CA ALA B 51 -3.94 8.83 -10.61
C ALA B 51 -4.93 8.65 -9.46
N VAL B 52 -4.40 8.71 -8.26
CA VAL B 52 -5.22 8.62 -7.05
C VAL B 52 -5.55 10.08 -6.74
N GLU B 53 -6.83 10.39 -6.62
CA GLU B 53 -7.22 11.77 -6.31
C GLU B 53 -6.67 12.10 -4.93
N ASP B 54 -6.36 13.37 -4.69
CA ASP B 54 -5.82 13.77 -3.39
C ASP B 54 -6.84 13.46 -2.32
N GLY B 55 -6.44 12.66 -1.34
CA GLY B 55 -7.33 12.31 -0.25
C GLY B 55 -8.13 11.04 -0.47
N GLU B 56 -8.22 10.55 -1.70
CA GLU B 56 -8.98 9.33 -1.91
C GLU B 56 -8.16 8.07 -1.64
N ASN B 57 -8.85 7.03 -1.20
CA ASN B 57 -8.22 5.77 -0.86
C ASN B 57 -7.56 5.14 -2.08
N PRO B 58 -6.25 4.85 -2.01
CA PRO B 58 -5.52 4.25 -3.13
C PRO B 58 -6.07 2.92 -3.62
N GLN B 59 -6.57 2.10 -2.69
CA GLN B 59 -7.11 0.81 -3.08
C GLN B 59 -8.35 1.03 -3.95
N ASP B 60 -9.21 1.95 -3.52
CA ASP B 60 -10.42 2.23 -4.29
C ASP B 60 -10.05 2.79 -5.66
N ALA B 61 -9.00 3.61 -5.69
CA ALA B 61 -8.54 4.22 -6.95
C ALA B 61 -8.09 3.15 -7.94
N ALA B 62 -7.41 2.13 -7.43
CA ALA B 62 -6.93 1.04 -8.28
C ALA B 62 -8.12 0.35 -8.95
N VAL B 63 -9.15 0.11 -8.17
CA VAL B 63 -10.37 -0.53 -8.66
C VAL B 63 -11.05 0.34 -9.69
N ARG B 64 -11.15 1.63 -9.38
CA ARG B 64 -11.78 2.61 -10.27
C ARG B 64 -11.03 2.71 -11.59
N GLU B 65 -9.73 2.91 -11.51
CA GLU B 65 -8.90 3.02 -12.70
C GLU B 65 -8.98 1.79 -13.59
N ALA B 66 -8.97 0.61 -12.98
CA ALA B 66 -9.05 -0.63 -13.75
C ALA B 66 -10.32 -0.66 -14.58
N CYS B 67 -11.43 -0.27 -13.98
CA CYS B 67 -12.71 -0.25 -14.68
C CYS B 67 -12.73 0.81 -15.78
N GLU B 68 -12.23 1.99 -15.45
CA GLU B 68 -12.20 3.09 -16.42
C GLU B 68 -11.39 2.77 -17.67
N GLU B 69 -10.28 2.05 -17.51
CA GLU B 69 -9.44 1.74 -18.65
C GLU B 69 -9.78 0.48 -19.42
N THR B 70 -10.30 -0.54 -18.73
CA THR B 70 -10.60 -1.82 -19.38
C THR B 70 -12.07 -2.16 -19.49
N GLY B 71 -12.92 -1.45 -18.75
CA GLY B 71 -14.34 -1.73 -18.77
C GLY B 71 -14.69 -2.89 -17.85
N LEU B 72 -13.70 -3.37 -17.10
CA LEU B 72 -13.92 -4.49 -16.20
C LEU B 72 -14.01 -4.09 -14.72
N ARG B 73 -15.03 -4.61 -14.05
CA ARG B 73 -15.19 -4.38 -12.63
C ARG B 73 -14.28 -5.41 -11.99
N VAL B 74 -13.38 -4.98 -11.12
CA VAL B 74 -12.46 -5.92 -10.49
C VAL B 74 -12.53 -5.86 -8.97
N ARG B 75 -12.10 -6.95 -8.35
CA ARG B 75 -12.08 -7.04 -6.89
C ARG B 75 -10.63 -7.08 -6.43
N PRO B 76 -10.25 -6.19 -5.50
CA PRO B 76 -8.86 -6.23 -5.03
C PRO B 76 -8.72 -7.46 -4.13
N VAL B 77 -7.70 -8.25 -4.38
CA VAL B 77 -7.48 -9.48 -3.61
C VAL B 77 -6.42 -9.32 -2.53
N LYS B 78 -5.31 -8.68 -2.88
CA LYS B 78 -4.23 -8.50 -1.92
C LYS B 78 -3.28 -7.43 -2.41
N PHE B 79 -2.76 -6.63 -1.47
CA PHE B 79 -1.81 -5.59 -1.82
C PHE B 79 -0.50 -6.28 -2.14
N LEU B 80 0.15 -5.88 -3.23
CA LEU B 80 1.42 -6.47 -3.62
C LEU B 80 2.61 -5.58 -3.28
N GLY B 81 2.46 -4.27 -3.47
CA GLY B 81 3.57 -3.40 -3.14
C GLY B 81 3.43 -2.00 -3.71
N ALA B 82 4.34 -1.12 -3.32
CA ALA B 82 4.35 0.25 -3.79
C ALA B 82 5.80 0.62 -4.02
N TYR B 83 6.06 1.45 -5.02
CA TYR B 83 7.42 1.86 -5.29
C TYR B 83 7.44 3.33 -5.70
N LEU B 84 8.60 3.94 -5.53
CA LEU B 84 8.78 5.37 -5.73
C LEU B 84 9.60 5.82 -6.93
N GLY B 85 9.10 6.85 -7.61
CA GLY B 85 9.79 7.40 -8.77
C GLY B 85 9.87 8.90 -8.62
N ARG B 86 10.78 9.54 -9.37
CA ARG B 86 10.94 10.98 -9.30
C ARG B 86 11.04 11.57 -10.70
N PHE B 87 10.14 12.49 -11.02
CA PHE B 87 10.18 13.13 -12.33
C PHE B 87 11.36 14.11 -12.36
N PRO B 88 11.78 14.51 -13.57
CA PRO B 88 12.90 15.44 -13.72
C PRO B 88 12.81 16.71 -12.87
N ASP B 89 11.60 17.21 -12.68
CA ASP B 89 11.41 18.43 -11.90
C ASP B 89 11.45 18.19 -10.39
N GLY B 90 11.68 16.95 -9.97
CA GLY B 90 11.75 16.64 -8.56
C GLY B 90 10.49 16.09 -7.92
N VAL B 91 9.38 16.11 -8.66
CA VAL B 91 8.13 15.58 -8.14
C VAL B 91 8.19 14.08 -7.89
N LEU B 92 7.76 13.64 -6.72
CA LEU B 92 7.75 12.23 -6.38
C LEU B 92 6.40 11.61 -6.67
N ILE B 93 6.42 10.38 -7.17
CA ILE B 93 5.19 9.65 -7.44
C ILE B 93 5.31 8.26 -6.83
N LEU B 94 4.31 7.90 -6.03
CA LEU B 94 4.29 6.59 -5.38
C LEU B 94 3.24 5.74 -6.08
N ARG B 95 3.68 4.66 -6.72
CA ARG B 95 2.77 3.76 -7.43
C ARG B 95 2.40 2.58 -6.55
N HIS B 96 1.11 2.29 -6.46
CA HIS B 96 0.60 1.20 -5.64
C HIS B 96 0.07 0.09 -6.55
N VAL B 97 0.27 -1.17 -6.15
CA VAL B 97 -0.18 -2.28 -6.96
C VAL B 97 -0.88 -3.36 -6.13
N TRP B 98 -2.07 -3.76 -6.60
CA TRP B 98 -2.85 -4.81 -5.95
C TRP B 98 -3.08 -5.96 -6.91
N LEU B 99 -3.09 -7.17 -6.32
CA LEU B 99 -3.43 -8.37 -7.08
C LEU B 99 -4.95 -8.44 -7.11
N ALA B 100 -5.52 -8.36 -8.31
CA ALA B 100 -6.99 -8.32 -8.44
C ALA B 100 -7.54 -9.42 -9.31
N GLU B 101 -8.86 -9.61 -9.21
CA GLU B 101 -9.57 -10.61 -9.99
C GLU B 101 -10.79 -9.93 -10.57
N PRO B 102 -11.17 -10.29 -11.80
CA PRO B 102 -12.34 -9.67 -12.41
C PRO B 102 -13.61 -10.30 -11.90
N GLU B 103 -14.69 -9.53 -11.83
CA GLU B 103 -15.97 -10.08 -11.41
C GLU B 103 -16.36 -10.96 -12.58
N PRO B 104 -17.10 -12.06 -12.32
CA PRO B 104 -17.53 -12.98 -13.37
C PRO B 104 -18.48 -12.44 -14.43
N GLY B 105 -18.48 -13.11 -15.59
CA GLY B 105 -19.35 -12.75 -16.69
C GLY B 105 -19.19 -11.38 -17.30
N GLN B 106 -17.96 -10.92 -17.45
CA GLN B 106 -17.71 -9.60 -18.03
C GLN B 106 -17.01 -9.66 -19.37
N THR B 107 -17.19 -8.60 -20.15
CA THR B 107 -16.58 -8.48 -21.46
C THR B 107 -15.57 -7.35 -21.46
N LEU B 108 -14.38 -7.63 -21.99
CA LEU B 108 -13.33 -6.63 -22.08
C LEU B 108 -13.76 -5.56 -23.09
N ALA B 109 -13.81 -4.31 -22.65
CA ALA B 109 -14.21 -3.20 -23.50
C ALA B 109 -13.36 -1.99 -23.11
N PRO B 110 -12.12 -1.93 -23.59
CA PRO B 110 -11.18 -0.84 -23.30
C PRO B 110 -11.69 0.55 -23.67
N ALA B 111 -11.24 1.55 -22.91
CA ALA B 111 -11.63 2.93 -23.15
C ALA B 111 -10.53 3.56 -24.01
N PHE B 112 -10.77 3.64 -25.31
CA PHE B 112 -9.82 4.20 -26.25
C PHE B 112 -9.72 5.72 -26.10
N THR B 113 -8.50 6.19 -25.85
CA THR B 113 -8.26 7.61 -25.65
C THR B 113 -6.93 8.00 -26.30
N ASP B 114 -6.53 9.24 -26.12
CA ASP B 114 -5.26 9.69 -26.68
C ASP B 114 -4.08 9.05 -25.95
N GLU B 115 -4.38 8.38 -24.83
CA GLU B 115 -3.35 7.72 -24.04
C GLU B 115 -3.43 6.19 -24.09
N ILE B 116 -4.61 5.66 -24.42
CA ILE B 116 -4.79 4.22 -24.47
C ILE B 116 -5.24 3.73 -25.85
N ALA B 117 -4.45 2.83 -26.43
CA ALA B 117 -4.75 2.26 -27.74
C ALA B 117 -5.71 1.10 -27.58
N GLU B 118 -5.48 0.29 -26.55
CA GLU B 118 -6.32 -0.85 -26.25
C GLU B 118 -5.84 -1.53 -24.97
N ALA B 119 -6.51 -2.61 -24.61
CA ALA B 119 -6.14 -3.36 -23.42
C ALA B 119 -6.50 -4.81 -23.71
N SER B 120 -5.74 -5.74 -23.16
CA SER B 120 -6.03 -7.14 -23.39
C SER B 120 -5.30 -8.07 -22.46
N PHE B 121 -5.75 -9.31 -22.43
CA PHE B 121 -5.14 -10.35 -21.62
C PHE B 121 -4.01 -10.93 -22.44
N VAL B 122 -2.86 -11.12 -21.80
CA VAL B 122 -1.66 -11.66 -22.43
C VAL B 122 -1.18 -12.85 -21.61
N SER B 123 -0.84 -13.95 -22.27
CA SER B 123 -0.38 -15.13 -21.56
C SER B 123 1.00 -14.96 -20.96
N ARG B 124 1.35 -15.84 -20.02
N ARG B 124 1.35 -15.84 -20.02
CA ARG B 124 2.65 -15.80 -19.36
CA ARG B 124 2.65 -15.78 -19.38
C ARG B 124 3.77 -15.88 -20.42
N GLU B 125 3.62 -16.81 -21.36
CA GLU B 125 4.62 -17.02 -22.39
C GLU B 125 4.80 -15.80 -23.28
N ASP B 126 3.70 -15.19 -23.71
CA ASP B 126 3.83 -14.02 -24.56
C ASP B 126 4.29 -12.82 -23.75
N PHE B 127 3.99 -12.79 -22.45
CA PHE B 127 4.44 -11.68 -21.63
C PHE B 127 5.96 -11.75 -21.60
N ALA B 128 6.50 -12.95 -21.44
CA ALA B 128 7.93 -13.13 -21.40
C ALA B 128 8.56 -12.60 -22.69
N GLN B 129 7.91 -12.82 -23.83
CA GLN B 129 8.41 -12.34 -25.11
C GLN B 129 8.37 -10.81 -25.14
N LEU B 130 7.26 -10.23 -24.69
CA LEU B 130 7.12 -8.78 -24.65
C LEU B 130 8.19 -8.14 -23.79
N TYR B 131 8.46 -8.75 -22.63
CA TYR B 131 9.46 -8.23 -21.71
C TYR B 131 10.85 -8.27 -22.36
N ALA B 132 11.21 -9.42 -22.93
CA ALA B 132 12.51 -9.56 -23.58
C ALA B 132 12.64 -8.56 -24.73
N ALA B 133 11.52 -8.27 -25.37
CA ALA B 133 11.48 -7.35 -26.50
C ALA B 133 11.50 -5.88 -26.10
N GLY B 134 11.48 -5.63 -24.79
CA GLY B 134 11.49 -4.27 -24.30
C GLY B 134 10.18 -3.54 -24.54
N GLN B 135 9.09 -4.29 -24.53
CA GLN B 135 7.77 -3.71 -24.77
C GLN B 135 6.95 -3.46 -23.50
N ILE B 136 7.53 -3.74 -22.34
CA ILE B 136 6.85 -3.50 -21.07
C ILE B 136 7.43 -2.19 -20.52
N ARG B 137 6.61 -1.14 -20.50
CA ARG B 137 7.04 0.18 -20.06
C ARG B 137 7.82 0.21 -18.75
N MET B 138 7.25 -0.37 -17.71
CA MET B 138 7.89 -0.40 -16.41
C MET B 138 8.25 -1.83 -16.06
N TYR B 139 9.54 -2.09 -15.86
CA TYR B 139 9.98 -3.45 -15.55
C TYR B 139 9.34 -3.99 -14.28
N GLN B 140 8.87 -3.10 -13.42
CA GLN B 140 8.21 -3.53 -12.19
C GLN B 140 7.00 -4.41 -12.51
N THR B 141 6.43 -4.24 -13.69
CA THR B 141 5.28 -5.05 -14.07
C THR B 141 5.65 -6.53 -14.02
N LYS B 142 6.85 -6.88 -14.48
CA LYS B 142 7.26 -8.28 -14.45
C LYS B 142 7.43 -8.74 -13.00
N LEU B 143 8.02 -7.91 -12.17
CA LEU B 143 8.22 -8.26 -10.78
C LEU B 143 6.90 -8.54 -10.09
N PHE B 144 5.91 -7.67 -10.30
CA PHE B 144 4.61 -7.85 -9.67
C PHE B 144 3.82 -8.99 -10.29
N TYR B 145 3.97 -9.22 -11.58
CA TYR B 145 3.27 -10.32 -12.24
C TYR B 145 3.79 -11.62 -11.61
N ALA B 146 5.10 -11.68 -11.39
CA ALA B 146 5.71 -12.85 -10.78
C ALA B 146 5.16 -13.04 -9.38
N ASP B 147 5.01 -11.94 -8.64
CA ASP B 147 4.48 -12.00 -7.28
C ASP B 147 3.05 -12.56 -7.33
N ALA B 148 2.26 -12.03 -8.25
CA ALA B 148 0.87 -12.45 -8.41
C ALA B 148 0.76 -13.94 -8.74
N LEU B 149 1.62 -14.40 -9.65
CA LEU B 149 1.59 -15.81 -10.04
C LEU B 149 1.88 -16.69 -8.82
N ARG B 150 2.85 -16.29 -8.02
CA ARG B 150 3.20 -17.04 -6.82
C ARG B 150 2.03 -17.07 -5.83
N GLU B 151 1.41 -15.91 -5.63
CA GLU B 151 0.28 -15.79 -4.72
C GLU B 151 -0.90 -16.67 -5.12
N LYS B 152 -1.16 -16.78 -6.42
CA LYS B 152 -2.28 -17.58 -6.91
C LYS B 152 -1.92 -19.05 -7.15
N GLY B 153 -0.64 -19.38 -7.05
CA GLY B 153 -0.23 -20.77 -7.25
C GLY B 153 -0.08 -21.15 -8.71
N PHE B 154 0.19 -20.16 -9.56
CA PHE B 154 0.37 -20.41 -10.98
C PHE B 154 1.84 -20.65 -11.28
N PRO B 155 2.14 -21.25 -12.45
CA PRO B 155 3.53 -21.52 -12.83
C PRO B 155 4.27 -20.19 -13.00
N ALA B 156 5.57 -20.19 -12.75
CA ALA B 156 6.36 -18.96 -12.89
C ALA B 156 6.58 -18.60 -14.35
N LEU B 157 7.04 -17.36 -14.63
CA LEU B 157 7.23 -16.84 -16.00
C LEU B 157 8.40 -17.50 -16.74
N PRO B 158 8.24 -18.01 -17.97
CA PRO B 158 9.46 -18.59 -18.59
C PRO B 158 10.55 -17.53 -18.83
N VAL B 159 10.13 -16.34 -19.22
CA VAL B 159 11.05 -15.25 -19.53
C VAL B 159 10.46 -14.37 -20.62
#